data_3Q80
#
_entry.id   3Q80
#
_cell.length_a   41.581
_cell.length_b   92.668
_cell.length_c   146.421
_cell.angle_alpha   90.000
_cell.angle_beta   90.000
_cell.angle_gamma   90.000
#
_symmetry.space_group_name_H-M   'P 21 21 21'
#
loop_
_entity.id
_entity.type
_entity.pdbx_description
1 polymer '2-C-methyl-D-erythritol 4-phosphate cytidyltransferase'
2 non-polymer 4-DIPHOSPHOCYTIDYL-2-C-METHYL-D-ERYTHRITOL
3 non-polymer 'MAGNESIUM ION'
4 non-polymer 'CHLORIDE ION'
5 water water
#
_entity_poly.entity_id   1
_entity_poly.type   'polypeptide(L)'
_entity_poly.pdbx_seq_one_letter_code
;VVREAGEVVAIVPAAGSGERLAVGVPKAFYQLDGQTLIERAVDGLLDSGVVDTVVVAVPADRTDEARQILGHRAMIVAGG
SNRTDTVNLALTVLSGTAEPEFVLVHDAARALTPPALVARVVEALRDGYAAVVPVLPLSDTIKAVDANGVVLGTPERAGL
RAVQTPQGFTTDLLLRSYQRGSLDLPAAEYTDDASLVEHIGGQVQVVDGDPLAFKITTKLDLLLAQAIVRG
;
_entity_poly.pdbx_strand_id   A,B
#
loop_
_chem_comp.id
_chem_comp.type
_chem_comp.name
_chem_comp.formula
CDM non-polymer 4-DIPHOSPHOCYTIDYL-2-C-METHYL-D-ERYTHRITOL 'C14 H25 N3 O14 P2'
CL non-polymer 'CHLORIDE ION' 'Cl -1'
MG non-polymer 'MAGNESIUM ION' 'Mg 2'
#
# COMPACT_ATOMS: atom_id res chain seq x y z
N GLY A 6 -14.78 -24.80 -19.93
CA GLY A 6 -15.65 -23.88 -19.23
C GLY A 6 -15.34 -22.42 -19.54
N GLU A 7 -16.40 -21.63 -19.77
CA GLU A 7 -16.26 -20.22 -20.12
C GLU A 7 -15.85 -19.39 -18.90
N VAL A 8 -15.11 -18.31 -19.14
CA VAL A 8 -14.75 -17.36 -18.10
C VAL A 8 -15.25 -15.99 -18.50
N VAL A 9 -16.09 -15.40 -17.67
CA VAL A 9 -16.56 -14.04 -17.89
C VAL A 9 -15.90 -13.12 -16.87
N ALA A 10 -15.46 -11.95 -17.30
CA ALA A 10 -14.87 -10.98 -16.39
C ALA A 10 -15.76 -9.77 -16.25
N ILE A 11 -16.08 -9.44 -15.01
CA ILE A 11 -16.86 -8.26 -14.71
C ILE A 11 -15.92 -7.12 -14.29
N VAL A 12 -16.06 -5.96 -14.93
CA VAL A 12 -15.19 -4.83 -14.64
C VAL A 12 -15.97 -3.66 -14.02
N PRO A 13 -15.89 -3.51 -12.69
CA PRO A 13 -16.50 -2.35 -12.05
C PRO A 13 -15.77 -1.09 -12.48
N ALA A 14 -16.49 -0.20 -13.15
CA ALA A 14 -15.88 1.02 -13.68
C ALA A 14 -16.82 2.19 -13.47
N ALA A 15 -17.72 2.07 -12.49
CA ALA A 15 -18.82 3.02 -12.31
C ALA A 15 -18.57 4.05 -11.20
N GLY A 16 -17.34 4.10 -10.69
CA GLY A 16 -16.97 5.05 -9.64
C GLY A 16 -17.02 6.49 -10.09
N SER A 17 -17.13 7.41 -9.12
CA SER A 17 -17.35 8.83 -9.40
C SER A 17 -16.06 9.59 -9.77
N GLY A 18 -14.92 9.10 -9.30
CA GLY A 18 -13.66 9.79 -9.53
C GLY A 18 -13.38 10.87 -8.50
N GLU A 19 -14.20 10.93 -7.46
CA GLU A 19 -14.04 11.97 -6.44
C GLU A 19 -12.69 11.87 -5.72
N ARG A 20 -12.30 10.65 -5.35
CA ARG A 20 -11.04 10.46 -4.61
C ARG A 20 -9.82 10.80 -5.46
N LEU A 21 -9.82 10.39 -6.73
CA LEU A 21 -8.68 10.62 -7.59
C LEU A 21 -8.47 12.12 -7.77
N ALA A 22 -9.58 12.85 -7.83
CA ALA A 22 -9.57 14.32 -7.76
C ALA A 22 -8.93 15.02 -8.98
N VAL A 23 -9.10 14.46 -10.17
CA VAL A 23 -8.61 15.12 -11.39
C VAL A 23 -9.73 15.53 -12.36
N GLY A 24 -10.94 15.70 -11.83
CA GLY A 24 -12.03 16.24 -12.62
C GLY A 24 -12.59 15.33 -13.70
N VAL A 25 -12.57 14.02 -13.45
CA VAL A 25 -13.17 13.04 -14.36
C VAL A 25 -13.43 11.73 -13.58
N PRO A 26 -14.51 11.02 -13.90
CA PRO A 26 -14.70 9.69 -13.31
C PRO A 26 -13.51 8.82 -13.70
N LYS A 27 -12.89 8.17 -12.72
CA LYS A 27 -11.55 7.62 -12.87
C LYS A 27 -11.39 6.67 -14.06
N ALA A 28 -12.37 5.80 -14.26
CA ALA A 28 -12.28 4.81 -15.35
C ALA A 28 -12.15 5.46 -16.71
N PHE A 29 -12.56 6.73 -16.82
CA PHE A 29 -12.50 7.41 -18.10
C PHE A 29 -11.31 8.36 -18.21
N TYR A 30 -10.46 8.38 -17.19
CA TYR A 30 -9.22 9.12 -17.28
C TYR A 30 -8.38 8.52 -18.41
N GLN A 31 -7.85 9.40 -19.27
CA GLN A 31 -7.04 8.98 -20.39
C GLN A 31 -5.57 8.93 -20.00
N LEU A 32 -5.05 7.71 -19.85
CA LEU A 32 -3.65 7.50 -19.53
C LEU A 32 -2.88 7.32 -20.84
N ASP A 33 -2.08 8.31 -21.19
CA ASP A 33 -1.27 8.26 -22.41
C ASP A 33 -2.09 7.76 -23.60
N GLY A 34 -3.23 8.39 -23.83
CA GLY A 34 -3.99 8.12 -25.04
C GLY A 34 -5.05 7.03 -24.96
N GLN A 35 -5.12 6.32 -23.84
CA GLN A 35 -6.17 5.31 -23.66
C GLN A 35 -6.78 5.37 -22.28
N THR A 36 -8.11 5.33 -22.20
CA THR A 36 -8.79 5.35 -20.91
C THR A 36 -8.38 4.14 -20.08
N LEU A 37 -8.43 4.29 -18.76
CA LEU A 37 -8.17 3.19 -17.87
C LEU A 37 -9.07 2.02 -18.20
N ILE A 38 -10.33 2.32 -18.53
CA ILE A 38 -11.24 1.25 -18.85
C ILE A 38 -10.82 0.47 -20.10
N GLU A 39 -10.39 1.17 -21.15
CA GLU A 39 -9.90 0.48 -22.33
C GLU A 39 -8.67 -0.36 -22.00
N ARG A 40 -7.74 0.22 -21.23
CA ARG A 40 -6.54 -0.50 -20.85
C ARG A 40 -6.89 -1.73 -20.03
N ALA A 41 -7.84 -1.61 -19.11
CA ALA A 41 -8.16 -2.74 -18.24
C ALA A 41 -8.79 -3.88 -19.03
N VAL A 42 -9.68 -3.54 -19.95
CA VAL A 42 -10.35 -4.54 -20.78
C VAL A 42 -9.36 -5.23 -21.69
N ASP A 43 -8.46 -4.47 -22.30
CA ASP A 43 -7.46 -5.05 -23.19
C ASP A 43 -6.56 -6.00 -22.40
N GLY A 44 -6.21 -5.64 -21.17
CA GLY A 44 -5.39 -6.52 -20.35
C GLY A 44 -6.08 -7.86 -20.09
N LEU A 45 -7.37 -7.83 -19.79
CA LEU A 45 -8.12 -9.07 -19.55
C LEU A 45 -8.16 -9.96 -20.80
N LEU A 46 -8.40 -9.36 -21.95
CA LEU A 46 -8.52 -10.09 -23.21
C LEU A 46 -7.16 -10.63 -23.64
N ASP A 47 -6.11 -9.87 -23.38
CA ASP A 47 -4.75 -10.28 -23.71
C ASP A 47 -4.34 -11.52 -22.94
N SER A 48 -5.01 -11.81 -21.83
CA SER A 48 -4.61 -12.94 -20.99
C SER A 48 -4.81 -14.26 -21.71
N GLY A 49 -5.75 -14.29 -22.65
CA GLY A 49 -6.05 -15.50 -23.40
C GLY A 49 -6.97 -16.45 -22.64
N VAL A 50 -7.35 -16.08 -21.42
CA VAL A 50 -8.22 -16.95 -20.60
C VAL A 50 -9.58 -16.33 -20.25
N VAL A 51 -9.86 -15.15 -20.79
CA VAL A 51 -11.15 -14.52 -20.57
C VAL A 51 -11.96 -14.56 -21.85
N ASP A 52 -13.17 -15.12 -21.81
CA ASP A 52 -13.96 -15.29 -23.01
C ASP A 52 -14.89 -14.10 -23.26
N THR A 53 -15.38 -13.51 -22.18
CA THR A 53 -16.34 -12.43 -22.28
C THR A 53 -16.06 -11.37 -21.22
N VAL A 54 -16.18 -10.10 -21.57
CA VAL A 54 -16.02 -9.03 -20.59
C VAL A 54 -17.30 -8.22 -20.46
N VAL A 55 -17.72 -7.98 -19.23
CA VAL A 55 -18.87 -7.12 -18.95
C VAL A 55 -18.35 -5.93 -18.16
N VAL A 56 -18.50 -4.72 -18.71
CA VAL A 56 -18.05 -3.51 -18.03
CA VAL A 56 -18.05 -3.52 -18.00
C VAL A 56 -19.26 -2.75 -17.47
N ALA A 57 -19.13 -2.23 -16.26
CA ALA A 57 -20.21 -1.48 -15.65
C ALA A 57 -19.73 -0.06 -15.44
N VAL A 58 -20.46 0.92 -15.99
CA VAL A 58 -20.00 2.30 -15.98
C VAL A 58 -21.08 3.22 -15.41
N PRO A 59 -20.74 4.50 -15.15
CA PRO A 59 -21.82 5.38 -14.68
C PRO A 59 -22.94 5.39 -15.71
N ALA A 60 -24.18 5.54 -15.24
CA ALA A 60 -25.34 5.38 -16.11
C ALA A 60 -25.34 6.36 -17.30
N ASP A 61 -24.81 7.56 -17.10
CA ASP A 61 -24.79 8.54 -18.17
C ASP A 61 -23.61 8.37 -19.12
N ARG A 62 -22.84 7.30 -18.96
CA ARG A 62 -21.70 7.06 -19.85
C ARG A 62 -21.75 5.70 -20.54
N THR A 63 -22.92 5.07 -20.56
CA THR A 63 -23.03 3.80 -21.25
C THR A 63 -22.75 3.94 -22.75
N ASP A 64 -23.30 4.96 -23.41
CA ASP A 64 -23.04 5.16 -24.84
C ASP A 64 -21.57 5.39 -25.06
N GLU A 65 -20.96 6.21 -24.20
CA GLU A 65 -19.55 6.55 -24.36
C GLU A 65 -18.67 5.32 -24.23
N ALA A 66 -18.99 4.48 -23.24
CA ALA A 66 -18.23 3.26 -23.01
C ALA A 66 -18.31 2.34 -24.24
N ARG A 67 -19.46 2.26 -24.88
CA ARG A 67 -19.59 1.39 -26.05
C ARG A 67 -18.78 1.95 -27.21
N GLN A 68 -18.82 3.27 -27.35
CA GLN A 68 -18.08 3.93 -28.40
C GLN A 68 -16.59 3.68 -28.22
N ILE A 69 -16.14 3.68 -26.98
CA ILE A 69 -14.73 3.42 -26.69
C ILE A 69 -14.38 1.94 -26.91
N LEU A 70 -15.16 1.05 -26.29
CA LEU A 70 -14.79 -0.37 -26.24
C LEU A 70 -15.18 -1.21 -27.47
N GLY A 71 -16.26 -0.84 -28.13
CA GLY A 71 -16.73 -1.62 -29.26
C GLY A 71 -17.04 -3.02 -28.77
N HIS A 72 -16.79 -4.03 -29.61
CA HIS A 72 -17.19 -5.38 -29.23
C HIS A 72 -16.21 -6.11 -28.31
N ARG A 73 -15.32 -5.36 -27.67
CA ARG A 73 -14.47 -5.95 -26.63
C ARG A 73 -15.23 -6.25 -25.36
N ALA A 74 -16.45 -5.72 -25.23
CA ALA A 74 -17.18 -5.88 -23.98
C ALA A 74 -18.66 -5.57 -24.13
N MET A 75 -19.46 -6.12 -23.23
CA MET A 75 -20.85 -5.73 -23.06
C MET A 75 -20.84 -4.59 -22.03
N ILE A 76 -21.66 -3.57 -22.25
CA ILE A 76 -21.69 -2.42 -21.34
C ILE A 76 -23.00 -2.38 -20.58
N VAL A 77 -22.94 -2.19 -19.26
CA VAL A 77 -24.15 -1.94 -18.46
C VAL A 77 -23.90 -0.80 -17.50
N ALA A 78 -24.96 -0.26 -16.92
CA ALA A 78 -24.81 0.80 -15.93
C ALA A 78 -24.49 0.19 -14.58
N GLY A 79 -23.56 0.80 -13.85
CA GLY A 79 -23.25 0.39 -12.49
C GLY A 79 -24.14 1.09 -11.48
N GLY A 80 -23.76 1.01 -10.19
CA GLY A 80 -24.57 1.56 -9.11
C GLY A 80 -23.89 2.54 -8.17
N SER A 81 -24.47 2.67 -6.98
CA SER A 81 -24.08 3.68 -6.01
CA SER A 81 -24.08 3.68 -6.01
C SER A 81 -22.84 3.31 -5.20
N ASN A 82 -22.53 2.02 -5.17
CA ASN A 82 -21.29 1.55 -4.54
C ASN A 82 -20.75 0.37 -5.34
N ARG A 83 -19.53 -0.07 -5.04
CA ARG A 83 -18.88 -1.11 -5.83
C ARG A 83 -19.65 -2.43 -5.75
N THR A 84 -20.15 -2.75 -4.56
CA THR A 84 -20.97 -3.96 -4.39
C THR A 84 -22.22 -3.92 -5.25
N ASP A 85 -22.93 -2.78 -5.20
CA ASP A 85 -24.11 -2.56 -6.00
C ASP A 85 -23.77 -2.72 -7.47
N THR A 86 -22.64 -2.14 -7.88
CA THR A 86 -22.23 -2.23 -9.28
C THR A 86 -22.05 -3.69 -9.71
N VAL A 87 -21.30 -4.46 -8.93
CA VAL A 87 -21.04 -5.86 -9.28
C VAL A 87 -22.35 -6.61 -9.33
N ASN A 88 -23.24 -6.28 -8.41
CA ASN A 88 -24.52 -6.96 -8.34
C ASN A 88 -25.33 -6.75 -9.63
N LEU A 89 -25.38 -5.51 -10.08
CA LEU A 89 -26.07 -5.19 -11.33
C LEU A 89 -25.45 -5.93 -12.51
N ALA A 90 -24.13 -6.03 -12.53
CA ALA A 90 -23.44 -6.69 -13.64
C ALA A 90 -23.71 -8.20 -13.65
N LEU A 91 -23.87 -8.78 -12.47
CA LEU A 91 -24.14 -10.22 -12.37
C LEU A 91 -25.46 -10.63 -13.01
N THR A 92 -26.43 -9.73 -13.02
CA THR A 92 -27.73 -10.06 -13.60
C THR A 92 -27.60 -10.35 -15.09
N VAL A 93 -26.54 -9.84 -15.71
CA VAL A 93 -26.28 -10.07 -17.12
C VAL A 93 -25.99 -11.56 -17.39
N LEU A 94 -25.53 -12.26 -16.37
CA LEU A 94 -25.25 -13.69 -16.48
C LEU A 94 -26.52 -14.55 -16.46
N SER A 95 -27.68 -13.89 -16.50
CA SER A 95 -28.98 -14.57 -16.46
C SER A 95 -28.97 -15.90 -17.17
N GLU A 99 -24.26 -18.91 -16.19
CA GLU A 99 -23.97 -19.83 -17.29
C GLU A 99 -22.49 -20.15 -17.49
N PRO A 100 -21.60 -19.13 -17.38
CA PRO A 100 -20.18 -19.46 -17.47
C PRO A 100 -19.74 -20.31 -16.28
N GLU A 101 -18.66 -21.07 -16.42
CA GLU A 101 -18.13 -21.83 -15.30
C GLU A 101 -17.50 -20.91 -14.25
N PHE A 102 -16.69 -19.96 -14.68
CA PHE A 102 -16.01 -19.06 -13.76
C PHE A 102 -16.32 -17.59 -14.03
N VAL A 103 -16.21 -16.76 -12.99
CA VAL A 103 -16.35 -15.32 -13.15
C VAL A 103 -15.20 -14.62 -12.45
N LEU A 104 -14.62 -13.62 -13.12
CA LEU A 104 -13.61 -12.79 -12.50
C LEU A 104 -14.25 -11.44 -12.26
N VAL A 105 -13.83 -10.76 -11.20
CA VAL A 105 -14.25 -9.39 -10.97
C VAL A 105 -12.97 -8.57 -10.90
N HIS A 106 -12.84 -7.59 -11.81
CA HIS A 106 -11.60 -6.85 -11.97
C HIS A 106 -11.78 -5.32 -12.02
N ASP A 107 -11.14 -4.61 -11.09
CA ASP A 107 -11.20 -3.13 -11.07
C ASP A 107 -10.67 -2.53 -12.35
N ALA A 108 -11.43 -1.62 -12.94
CA ALA A 108 -10.92 -0.88 -14.08
C ALA A 108 -9.69 -0.09 -13.65
N ALA A 109 -9.65 0.26 -12.37
CA ALA A 109 -8.58 1.10 -11.85
C ALA A 109 -7.23 0.37 -11.75
N ARG A 110 -7.24 -0.95 -11.86
CA ARG A 110 -5.99 -1.72 -11.90
C ARG A 110 -5.63 -1.95 -13.37
N ALA A 111 -5.48 -0.83 -14.07
CA ALA A 111 -5.40 -0.82 -15.52
C ALA A 111 -4.15 -1.44 -16.10
N LEU A 112 -3.07 -1.50 -15.32
CA LEU A 112 -1.80 -2.04 -15.81
C LEU A 112 -1.56 -3.50 -15.36
N THR A 113 -2.61 -4.14 -14.85
CA THR A 113 -2.51 -5.54 -14.44
C THR A 113 -1.93 -6.41 -15.57
N PRO A 114 -0.89 -7.20 -15.25
CA PRO A 114 -0.33 -8.04 -16.31
C PRO A 114 -1.27 -9.17 -16.68
N PRO A 115 -1.38 -9.47 -17.98
CA PRO A 115 -2.28 -10.54 -18.41
C PRO A 115 -1.91 -11.87 -17.76
N ALA A 116 -0.63 -12.08 -17.43
CA ALA A 116 -0.20 -13.32 -16.78
C ALA A 116 -0.81 -13.52 -15.39
N LEU A 117 -1.09 -12.42 -14.70
CA LEU A 117 -1.77 -12.50 -13.40
C LEU A 117 -3.20 -12.99 -13.58
N VAL A 118 -3.88 -12.47 -14.59
CA VAL A 118 -5.22 -12.93 -14.91
C VAL A 118 -5.19 -14.43 -15.15
N ALA A 119 -4.20 -14.89 -15.91
CA ALA A 119 -4.05 -16.30 -16.22
C ALA A 119 -3.75 -17.12 -14.96
N ARG A 120 -2.96 -16.55 -14.06
CA ARG A 120 -2.65 -17.21 -12.80
C ARG A 120 -3.89 -17.43 -11.94
N VAL A 121 -4.79 -16.45 -11.86
CA VAL A 121 -5.98 -16.72 -11.06
C VAL A 121 -6.95 -17.69 -11.74
N VAL A 122 -7.06 -17.63 -13.06
CA VAL A 122 -7.83 -18.64 -13.77
C VAL A 122 -7.25 -20.05 -13.57
N GLU A 123 -5.93 -20.19 -13.67
CA GLU A 123 -5.27 -21.48 -13.42
C GLU A 123 -5.66 -22.10 -12.08
N ALA A 124 -5.76 -21.26 -11.06
CA ALA A 124 -6.09 -21.68 -9.70
C ALA A 124 -7.54 -22.14 -9.62
N LEU A 125 -8.43 -21.43 -10.31
CA LEU A 125 -9.82 -21.83 -10.37
C LEU A 125 -9.93 -23.20 -11.03
N ARG A 126 -9.15 -23.39 -12.10
CA ARG A 126 -9.19 -24.67 -12.79
C ARG A 126 -8.50 -25.76 -11.96
N ASP A 127 -7.65 -25.36 -11.03
CA ASP A 127 -6.99 -26.33 -10.14
C ASP A 127 -7.95 -26.83 -9.06
N GLY A 128 -9.11 -26.19 -8.97
CA GLY A 128 -10.13 -26.65 -8.05
C GLY A 128 -10.48 -25.70 -6.91
N TYR A 129 -9.78 -24.58 -6.80
CA TYR A 129 -10.13 -23.59 -5.78
C TYR A 129 -11.37 -22.82 -6.20
N ALA A 130 -12.36 -22.76 -5.33
CA ALA A 130 -13.64 -22.18 -5.72
C ALA A 130 -13.64 -20.66 -5.65
N ALA A 131 -12.67 -20.10 -4.93
CA ALA A 131 -12.56 -18.66 -4.75
C ALA A 131 -11.09 -18.32 -4.58
N VAL A 132 -10.62 -17.38 -5.39
CA VAL A 132 -9.21 -17.06 -5.50
C VAL A 132 -9.01 -15.55 -5.59
N VAL A 133 -8.12 -15.01 -4.75
CA VAL A 133 -7.68 -13.61 -4.83
C VAL A 133 -6.15 -13.50 -4.89
N PRO A 134 -5.64 -12.58 -5.72
CA PRO A 134 -4.20 -12.32 -5.74
C PRO A 134 -3.82 -11.38 -4.59
N VAL A 135 -2.64 -11.60 -4.00
CA VAL A 135 -2.24 -10.81 -2.84
C VAL A 135 -0.77 -10.47 -2.89
N LEU A 136 -0.41 -9.45 -2.12
CA LEU A 136 0.95 -9.02 -1.94
C LEU A 136 1.19 -8.79 -0.45
N PRO A 137 2.45 -8.88 -0.02
CA PRO A 137 2.77 -8.51 1.36
C PRO A 137 2.55 -7.02 1.57
N LEU A 138 2.36 -6.59 2.81
CA LEU A 138 2.21 -5.17 3.10
C LEU A 138 3.58 -4.51 3.15
N SER A 139 3.70 -3.28 2.66
CA SER A 139 4.93 -2.52 2.82
C SER A 139 4.89 -1.73 4.14
N ASP A 140 3.84 -0.95 4.34
CA ASP A 140 3.68 -0.20 5.58
C ASP A 140 3.18 -1.07 6.73
N THR A 141 3.60 -0.77 7.95
CA THR A 141 2.90 -1.26 9.12
C THR A 141 1.46 -0.77 9.08
N ILE A 142 0.55 -1.63 9.53
CA ILE A 142 -0.88 -1.33 9.54
C ILE A 142 -1.32 -1.22 10.98
N LYS A 143 -2.13 -0.22 11.29
CA LYS A 143 -2.67 -0.11 12.63
C LYS A 143 -4.18 0.02 12.63
N ALA A 144 -4.82 -0.53 13.66
CA ALA A 144 -6.21 -0.24 13.93
C ALA A 144 -6.30 1.11 14.64
N VAL A 145 -7.19 1.96 14.17
CA VAL A 145 -7.29 3.33 14.68
C VAL A 145 -8.75 3.68 14.86
N ASP A 146 -9.09 4.32 15.98
CA ASP A 146 -10.49 4.66 16.23
C ASP A 146 -10.88 5.99 15.57
N ALA A 147 -12.13 6.39 15.79
CA ALA A 147 -12.71 7.54 15.10
C ALA A 147 -12.08 8.86 15.52
N ASN A 148 -11.36 8.84 16.64
CA ASN A 148 -10.69 10.04 17.14
C ASN A 148 -9.20 10.10 16.78
N GLY A 149 -8.73 9.15 15.98
CA GLY A 149 -7.34 9.12 15.59
C GLY A 149 -6.42 8.52 16.64
N VAL A 150 -7.00 7.78 17.57
CA VAL A 150 -6.20 7.10 18.59
C VAL A 150 -5.94 5.66 18.16
N VAL A 151 -4.67 5.26 18.22
CA VAL A 151 -4.30 3.92 17.80
C VAL A 151 -4.81 2.87 18.77
N LEU A 152 -5.52 1.87 18.27
CA LEU A 152 -5.99 0.77 19.12
C LEU A 152 -4.93 -0.30 19.24
N GLY A 153 -4.12 -0.47 18.21
CA GLY A 153 -3.10 -1.49 18.24
C GLY A 153 -2.58 -1.84 16.87
N THR A 154 -1.54 -2.68 16.85
CA THR A 154 -0.87 -3.06 15.61
C THR A 154 -0.90 -4.58 15.47
N PRO A 155 -1.79 -5.06 14.60
CA PRO A 155 -1.81 -6.49 14.28
C PRO A 155 -0.50 -6.90 13.63
N GLU A 156 -0.10 -8.16 13.79
CA GLU A 156 1.13 -8.65 13.18
C GLU A 156 1.12 -8.48 11.65
N ARG A 157 2.07 -7.71 11.12
CA ARG A 157 2.05 -7.41 9.68
C ARG A 157 2.11 -8.67 8.82
N ALA A 158 2.96 -9.62 9.21
CA ALA A 158 3.18 -10.84 8.45
C ALA A 158 1.91 -11.69 8.29
N GLY A 159 0.91 -11.46 9.13
CA GLY A 159 -0.31 -12.24 9.10
C GLY A 159 -1.35 -11.66 8.16
N LEU A 160 -1.03 -10.52 7.55
CA LEU A 160 -1.96 -9.79 6.70
C LEU A 160 -1.44 -9.68 5.28
N ARG A 161 -2.35 -9.48 4.33
CA ARG A 161 -1.99 -9.30 2.93
C ARG A 161 -2.84 -8.21 2.29
N ALA A 162 -2.21 -7.48 1.37
CA ALA A 162 -2.91 -6.53 0.51
C ALA A 162 -3.52 -7.33 -0.63
N VAL A 163 -4.80 -7.10 -0.90
CA VAL A 163 -5.48 -7.90 -1.92
CA VAL A 163 -5.53 -7.89 -1.90
C VAL A 163 -5.75 -7.09 -3.19
N GLN A 164 -5.58 -7.74 -4.34
CA GLN A 164 -5.73 -7.07 -5.61
C GLN A 164 -6.93 -7.64 -6.33
N THR A 165 -7.00 -7.39 -7.62
CA THR A 165 -7.95 -8.10 -8.47
C THR A 165 -7.14 -8.48 -9.72
N PRO A 166 -7.67 -9.36 -10.58
CA PRO A 166 -9.02 -9.93 -10.57
C PRO A 166 -9.22 -10.94 -9.45
N GLN A 167 -10.40 -10.93 -8.86
CA GLN A 167 -10.79 -11.97 -7.93
C GLN A 167 -11.61 -12.96 -8.74
N GLY A 168 -11.36 -14.25 -8.56
CA GLY A 168 -12.00 -15.27 -9.38
C GLY A 168 -12.83 -16.23 -8.56
N PHE A 169 -13.94 -16.69 -9.12
CA PHE A 169 -14.85 -17.58 -8.40
C PHE A 169 -15.58 -18.52 -9.36
N THR A 170 -15.99 -19.69 -8.87
CA THR A 170 -17.00 -20.46 -9.58
C THR A 170 -18.23 -19.56 -9.62
N THR A 171 -18.94 -19.60 -10.73
CA THR A 171 -20.06 -18.68 -10.94
C THR A 171 -21.16 -18.90 -9.91
N ASP A 172 -21.44 -20.16 -9.62
CA ASP A 172 -22.45 -20.47 -8.64
C ASP A 172 -22.13 -19.87 -7.27
N LEU A 173 -20.88 -20.01 -6.83
CA LEU A 173 -20.51 -19.53 -5.51
C LEU A 173 -20.66 -18.01 -5.41
N LEU A 174 -20.20 -17.30 -6.43
CA LEU A 174 -20.29 -15.84 -6.44
C LEU A 174 -21.74 -15.38 -6.46
N LEU A 175 -22.54 -15.99 -7.33
CA LEU A 175 -23.96 -15.62 -7.44
C LEU A 175 -24.68 -15.81 -6.11
N ARG A 176 -24.48 -16.97 -5.49
CA ARG A 176 -25.09 -17.27 -4.20
C ARG A 176 -24.64 -16.27 -3.12
N SER A 177 -23.37 -15.89 -3.14
CA SER A 177 -22.83 -14.97 -2.15
C SER A 177 -23.45 -13.60 -2.31
N TYR A 178 -23.55 -13.12 -3.54
CA TYR A 178 -24.19 -11.84 -3.81
C TYR A 178 -25.68 -11.85 -3.51
N GLN A 179 -26.33 -12.97 -3.77
CA GLN A 179 -27.75 -13.11 -3.49
C GLN A 179 -27.99 -12.97 -2.00
N ARG A 180 -27.12 -13.58 -1.21
CA ARG A 180 -27.27 -13.55 0.24
C ARG A 180 -26.82 -12.23 0.82
N GLY A 181 -25.82 -11.61 0.20
CA GLY A 181 -25.38 -10.29 0.59
C GLY A 181 -26.47 -9.28 0.36
N SER A 182 -27.29 -9.52 -0.65
CA SER A 182 -28.40 -8.64 -1.02
C SER A 182 -29.58 -8.73 -0.04
N LEU A 183 -29.33 -9.27 1.15
CA LEU A 183 -30.37 -9.41 2.15
C LEU A 183 -30.15 -8.46 3.32
N GLU A 189 -20.51 -2.99 5.07
CA GLU A 189 -19.84 -2.45 3.90
C GLU A 189 -18.77 -3.42 3.37
N TYR A 190 -18.98 -3.92 2.16
CA TYR A 190 -18.04 -4.83 1.54
C TYR A 190 -17.12 -4.10 0.59
N THR A 191 -15.82 -4.18 0.83
CA THR A 191 -14.86 -3.48 -0.02
C THR A 191 -14.35 -4.36 -1.15
N ASP A 192 -14.66 -5.65 -1.10
CA ASP A 192 -14.38 -6.49 -2.24
C ASP A 192 -15.36 -7.64 -2.37
N ASP A 193 -15.12 -8.51 -3.34
CA ASP A 193 -16.07 -9.58 -3.65
C ASP A 193 -15.81 -10.80 -2.79
N ALA A 194 -14.55 -11.08 -2.52
CA ALA A 194 -14.23 -12.23 -1.68
C ALA A 194 -14.93 -12.14 -0.33
N SER A 195 -15.07 -10.91 0.18
CA SER A 195 -15.71 -10.69 1.48
C SER A 195 -17.14 -11.22 1.55
N LEU A 196 -17.87 -11.20 0.44
CA LEU A 196 -19.22 -11.77 0.44
C LEU A 196 -19.16 -13.29 0.51
N VAL A 197 -18.22 -13.87 -0.22
CA VAL A 197 -18.00 -15.31 -0.15
C VAL A 197 -17.59 -15.75 1.26
N GLU A 198 -16.67 -15.02 1.88
CA GLU A 198 -16.26 -15.30 3.26
C GLU A 198 -17.45 -15.21 4.20
N HIS A 199 -18.26 -14.18 4.02
CA HIS A 199 -19.39 -13.92 4.92
C HIS A 199 -20.39 -15.07 5.04
N ILE A 200 -20.66 -15.76 3.92
CA ILE A 200 -21.57 -16.91 3.98
C ILE A 200 -20.87 -18.25 4.24
N GLY A 201 -19.55 -18.19 4.43
CA GLY A 201 -18.82 -19.37 4.87
C GLY A 201 -17.91 -20.01 3.83
N GLY A 202 -17.78 -19.38 2.67
CA GLY A 202 -16.93 -19.92 1.63
C GLY A 202 -15.46 -19.74 1.93
N GLN A 203 -14.62 -20.65 1.42
CA GLN A 203 -13.19 -20.55 1.66
C GLN A 203 -12.45 -19.94 0.48
N VAL A 204 -11.59 -18.97 0.76
CA VAL A 204 -10.89 -18.24 -0.29
C VAL A 204 -9.41 -18.54 -0.22
N GLN A 205 -8.84 -18.89 -1.36
CA GLN A 205 -7.42 -19.17 -1.48
C GLN A 205 -6.72 -17.98 -2.13
N VAL A 206 -5.49 -17.71 -1.72
CA VAL A 206 -4.73 -16.63 -2.32
C VAL A 206 -3.76 -17.17 -3.36
N VAL A 207 -3.40 -16.32 -4.32
CA VAL A 207 -2.27 -16.55 -5.19
C VAL A 207 -1.40 -15.30 -5.13
N ASP A 208 -0.15 -15.41 -5.56
CA ASP A 208 0.71 -14.24 -5.59
C ASP A 208 0.18 -13.23 -6.60
N GLY A 209 0.04 -11.98 -6.17
CA GLY A 209 -0.38 -10.91 -7.06
C GLY A 209 0.81 -10.37 -7.82
N ASP A 210 0.74 -9.11 -8.24
CA ASP A 210 1.82 -8.49 -9.01
C ASP A 210 1.81 -6.98 -8.77
N PRO A 211 2.98 -6.41 -8.46
CA PRO A 211 3.02 -4.97 -8.20
C PRO A 211 2.40 -4.15 -9.32
N LEU A 212 2.39 -4.67 -10.55
CA LEU A 212 1.86 -3.92 -11.69
C LEU A 212 0.34 -3.88 -11.67
N ALA A 213 -0.26 -4.71 -10.83
CA ALA A 213 -1.72 -4.72 -10.70
C ALA A 213 -2.19 -3.75 -9.60
N PHE A 214 -1.34 -2.81 -9.23
CA PHE A 214 -1.72 -1.78 -8.26
C PHE A 214 -2.95 -0.99 -8.72
N LYS A 215 -3.78 -0.57 -7.77
CA LYS A 215 -4.97 0.19 -8.08
C LYS A 215 -4.63 1.67 -8.15
N ILE A 216 -4.88 2.27 -9.30
CA ILE A 216 -4.68 3.70 -9.46
C ILE A 216 -5.72 4.37 -8.58
N THR A 217 -5.26 5.04 -7.53
CA THR A 217 -6.16 5.55 -6.51
C THR A 217 -5.94 7.03 -6.25
N THR A 218 -4.69 7.45 -6.23
CA THR A 218 -4.34 8.85 -5.94
C THR A 218 -3.60 9.47 -7.12
N LYS A 219 -3.33 10.77 -7.05
CA LYS A 219 -2.61 11.43 -8.13
C LYS A 219 -1.20 10.88 -8.24
N LEU A 220 -0.64 10.49 -7.11
CA LEU A 220 0.73 9.97 -7.14
C LEU A 220 0.73 8.67 -7.94
N ASP A 221 -0.36 7.90 -7.82
CA ASP A 221 -0.51 6.65 -8.58
C ASP A 221 -0.52 6.90 -10.08
N LEU A 222 -1.10 8.02 -10.50
CA LEU A 222 -1.14 8.36 -11.91
C LEU A 222 0.27 8.65 -12.39
N LEU A 223 1.07 9.26 -11.51
CA LEU A 223 2.44 9.57 -11.86
C LEU A 223 3.18 8.26 -12.15
N LEU A 224 2.97 7.25 -11.31
CA LEU A 224 3.59 5.96 -11.52
C LEU A 224 3.08 5.26 -12.76
N ALA A 225 1.77 5.31 -12.97
CA ALA A 225 1.19 4.71 -14.17
C ALA A 225 1.82 5.29 -15.43
N GLN A 226 1.97 6.62 -15.46
CA GLN A 226 2.58 7.27 -16.62
C GLN A 226 4.03 6.80 -16.82
N ALA A 227 4.78 6.69 -15.73
CA ALA A 227 6.19 6.27 -15.85
C ALA A 227 6.27 4.84 -16.40
N ILE A 228 5.31 4.01 -16.01
CA ILE A 228 5.28 2.64 -16.50
C ILE A 228 4.96 2.58 -17.99
N VAL A 229 3.87 3.21 -18.39
CA VAL A 229 3.40 3.17 -19.78
CA VAL A 229 3.44 3.12 -19.78
C VAL A 229 4.37 3.84 -20.76
N ARG A 230 5.12 4.83 -20.26
CA ARG A 230 6.04 5.57 -21.10
C ARG A 230 7.43 4.93 -21.14
N GLY A 231 7.68 4.01 -20.22
CA GLY A 231 8.95 3.30 -20.19
C GLY A 231 8.99 2.19 -21.23
N GLY B 6 12.52 23.09 23.54
CA GLY B 6 12.79 21.66 23.48
C GLY B 6 13.47 21.23 22.19
N GLU B 7 14.55 20.47 22.32
CA GLU B 7 15.28 19.98 21.16
C GLU B 7 14.66 18.71 20.58
N VAL B 8 14.82 18.53 19.26
CA VAL B 8 14.31 17.37 18.56
C VAL B 8 15.45 16.65 17.86
N VAL B 9 15.64 15.39 18.20
CA VAL B 9 16.62 14.56 17.51
C VAL B 9 15.88 13.59 16.61
N ALA B 10 16.32 13.49 15.36
CA ALA B 10 15.77 12.46 14.47
C ALA B 10 16.75 11.31 14.33
N ILE B 11 16.28 10.10 14.62
CA ILE B 11 17.06 8.89 14.37
C ILE B 11 16.63 8.34 13.01
N VAL B 12 17.60 7.98 12.17
CA VAL B 12 17.30 7.42 10.85
C VAL B 12 17.85 6.00 10.71
N PRO B 13 16.96 5.01 10.78
CA PRO B 13 17.42 3.64 10.56
C PRO B 13 17.79 3.46 9.09
N ALA B 14 19.07 3.23 8.83
CA ALA B 14 19.52 3.08 7.46
C ALA B 14 20.50 1.92 7.38
N ALA B 15 20.31 0.93 8.26
CA ALA B 15 21.28 -0.14 8.37
C ALA B 15 20.84 -1.46 7.76
N GLY B 16 19.74 -1.45 7.01
CA GLY B 16 19.28 -2.67 6.36
C GLY B 16 20.18 -3.13 5.23
N SER B 17 19.86 -4.29 4.64
CA SER B 17 20.67 -4.92 3.59
C SER B 17 20.15 -4.67 2.18
N GLY B 18 18.94 -4.11 2.06
CA GLY B 18 18.32 -3.90 0.77
C GLY B 18 17.98 -5.19 0.03
N GLU B 19 17.69 -6.26 0.77
CA GLU B 19 17.58 -7.59 0.18
C GLU B 19 16.30 -7.76 -0.67
N ARG B 20 15.27 -6.98 -0.37
CA ARG B 20 13.99 -7.10 -1.07
C ARG B 20 13.93 -6.24 -2.32
N LEU B 21 14.31 -4.97 -2.17
CA LEU B 21 14.41 -4.09 -3.33
C LEU B 21 15.37 -4.73 -4.33
N ALA B 22 16.46 -5.28 -3.79
CA ALA B 22 17.40 -6.10 -4.55
C ALA B 22 17.99 -5.38 -5.75
N VAL B 23 18.53 -4.18 -5.52
CA VAL B 23 19.17 -3.43 -6.58
CA VAL B 23 19.17 -3.44 -6.58
C VAL B 23 20.71 -3.51 -6.46
N GLY B 24 21.19 -4.48 -5.69
CA GLY B 24 22.62 -4.74 -5.62
C GLY B 24 23.42 -3.91 -4.64
N VAL B 25 22.72 -3.16 -3.79
N VAL B 25 22.72 -3.16 -3.78
CA VAL B 25 23.36 -2.37 -2.73
CA VAL B 25 23.34 -2.32 -2.77
C VAL B 25 22.33 -2.15 -1.64
C VAL B 25 22.33 -2.09 -1.65
N PRO B 26 22.79 -2.04 -0.39
CA PRO B 26 21.89 -1.70 0.71
C PRO B 26 21.18 -0.43 0.31
N LYS B 27 19.85 -0.45 0.44
CA LYS B 27 18.94 0.58 -0.04
C LYS B 27 19.38 2.02 0.28
N ALA B 28 19.73 2.27 1.53
CA ALA B 28 20.03 3.64 1.97
C ALA B 28 21.14 4.24 1.13
N PHE B 29 21.98 3.38 0.54
CA PHE B 29 23.14 3.83 -0.19
C PHE B 29 22.94 3.83 -1.69
N TYR B 30 21.73 3.52 -2.14
CA TYR B 30 21.41 3.59 -3.55
C TYR B 30 21.28 5.05 -4.01
N GLN B 31 21.94 5.40 -5.12
CA GLN B 31 21.93 6.77 -5.62
C GLN B 31 20.75 7.05 -6.51
N LEU B 32 19.83 7.87 -6.01
CA LEU B 32 18.64 8.26 -6.75
C LEU B 32 18.91 9.59 -7.41
N ASP B 33 19.10 9.57 -8.71
CA ASP B 33 19.36 10.77 -9.49
C ASP B 33 20.49 11.59 -8.85
N GLY B 34 21.58 10.93 -8.49
CA GLY B 34 22.77 11.62 -8.02
C GLY B 34 22.88 11.81 -6.51
N GLN B 35 21.82 11.49 -5.77
CA GLN B 35 21.88 11.51 -4.30
C GLN B 35 21.37 10.24 -3.66
N THR B 36 22.15 9.67 -2.75
CA THR B 36 21.73 8.49 -2.02
C THR B 36 20.43 8.74 -1.27
N LEU B 37 19.70 7.67 -0.99
CA LEU B 37 18.46 7.80 -0.25
C LEU B 37 18.74 8.37 1.13
N ILE B 38 19.87 7.97 1.71
CA ILE B 38 20.22 8.43 3.05
C ILE B 38 20.46 9.94 3.06
N GLU B 39 21.21 10.45 2.08
CA GLU B 39 21.39 11.90 1.97
C GLU B 39 20.07 12.65 1.76
N ARG B 40 19.21 12.12 0.92
CA ARG B 40 17.91 12.74 0.67
C ARG B 40 17.04 12.74 1.93
N ALA B 41 17.04 11.64 2.66
CA ALA B 41 16.20 11.55 3.85
C ALA B 41 16.69 12.51 4.93
N VAL B 42 18.00 12.58 5.10
CA VAL B 42 18.59 13.51 6.06
C VAL B 42 18.31 14.96 5.69
N ASP B 43 18.47 15.31 4.41
CA ASP B 43 18.19 16.66 3.93
C ASP B 43 16.73 17.07 4.18
N GLY B 44 15.81 16.13 4.01
CA GLY B 44 14.39 16.42 4.21
C GLY B 44 14.10 16.74 5.67
N LEU B 45 14.68 15.96 6.57
CA LEU B 45 14.56 16.20 7.99
C LEU B 45 15.06 17.59 8.37
N LEU B 46 16.23 17.95 7.85
CA LEU B 46 16.83 19.25 8.14
C LEU B 46 16.06 20.41 7.53
N ASP B 47 15.55 20.20 6.32
CA ASP B 47 14.75 21.21 5.64
C ASP B 47 13.43 21.53 6.34
N SER B 48 12.99 20.64 7.21
CA SER B 48 11.73 20.83 7.92
C SER B 48 11.81 22.04 8.86
N GLY B 49 13.04 22.38 9.25
CA GLY B 49 13.27 23.50 10.14
C GLY B 49 12.87 23.22 11.58
N VAL B 50 12.47 21.98 11.87
CA VAL B 50 12.08 21.60 13.22
C VAL B 50 12.93 20.48 13.81
N VAL B 51 13.99 20.07 13.12
CA VAL B 51 14.88 19.02 13.61
C VAL B 51 16.26 19.59 13.94
N ASP B 52 16.72 19.43 15.18
CA ASP B 52 17.97 20.03 15.63
C ASP B 52 19.19 19.16 15.39
N THR B 53 19.01 17.85 15.47
CA THR B 53 20.10 16.91 15.31
C THR B 53 19.61 15.66 14.60
N VAL B 54 20.43 15.11 13.72
CA VAL B 54 20.11 13.84 13.07
C VAL B 54 21.16 12.78 13.43
N VAL B 55 20.67 11.63 13.87
CA VAL B 55 21.53 10.48 14.09
C VAL B 55 21.12 9.41 13.09
N VAL B 56 22.06 9.01 12.25
CA VAL B 56 21.78 7.98 11.26
CA VAL B 56 21.81 8.00 11.24
C VAL B 56 22.48 6.70 11.69
N ALA B 57 21.82 5.56 11.48
CA ALA B 57 22.37 4.27 11.85
C ALA B 57 22.50 3.45 10.59
N VAL B 58 23.72 3.01 10.31
CA VAL B 58 24.05 2.38 9.04
C VAL B 58 24.76 1.06 9.27
N PRO B 59 24.93 0.24 8.21
CA PRO B 59 25.65 -1.01 8.38
C PRO B 59 27.06 -0.73 8.89
N ALA B 60 27.58 -1.60 9.76
CA ALA B 60 28.86 -1.34 10.40
C ALA B 60 29.99 -1.08 9.40
N ASP B 61 29.95 -1.76 8.25
CA ASP B 61 31.04 -1.59 7.27
C ASP B 61 30.88 -0.35 6.39
N ARG B 62 29.90 0.50 6.71
CA ARG B 62 29.67 1.71 5.92
C ARG B 62 29.61 2.96 6.77
N THR B 63 30.12 2.90 8.00
CA THR B 63 30.10 4.07 8.87
C THR B 63 30.99 5.17 8.28
N ASP B 64 32.19 4.80 7.84
CA ASP B 64 33.07 5.76 7.18
C ASP B 64 32.40 6.33 5.93
N GLU B 65 31.86 5.45 5.10
CA GLU B 65 31.16 5.94 3.91
C GLU B 65 30.03 6.91 4.27
N ALA B 66 29.28 6.61 5.33
CA ALA B 66 28.15 7.45 5.73
C ALA B 66 28.61 8.86 6.16
N ARG B 67 29.72 8.94 6.88
CA ARG B 67 30.28 10.24 7.24
C ARG B 67 30.80 11.02 6.02
N GLN B 68 31.42 10.32 5.08
CA GLN B 68 31.91 10.95 3.86
C GLN B 68 30.77 11.56 3.08
N ILE B 69 29.62 10.89 3.09
CA ILE B 69 28.47 11.36 2.36
C ILE B 69 27.83 12.54 3.08
N LEU B 70 27.57 12.35 4.36
CA LEU B 70 26.69 13.27 5.10
C LEU B 70 27.41 14.47 5.69
N GLY B 71 28.69 14.32 5.99
CA GLY B 71 29.42 15.37 6.66
C GLY B 71 28.76 15.72 7.97
N HIS B 72 28.74 17.00 8.31
CA HIS B 72 28.20 17.44 9.59
C HIS B 72 26.66 17.54 9.63
N ARG B 73 26.00 17.02 8.62
CA ARG B 73 24.55 16.94 8.65
C ARG B 73 24.03 15.92 9.67
N ALA B 74 24.88 14.98 10.08
CA ALA B 74 24.41 13.91 10.95
C ALA B 74 25.53 13.28 11.74
N MET B 75 25.18 12.70 12.89
CA MET B 75 26.07 11.81 13.62
C MET B 75 25.85 10.40 13.09
N ILE B 76 26.92 9.64 12.91
CA ILE B 76 26.81 8.31 12.30
C ILE B 76 27.08 7.23 13.35
N VAL B 77 26.22 6.22 13.43
CA VAL B 77 26.51 5.04 14.26
C VAL B 77 26.21 3.76 13.48
N ALA B 78 26.70 2.63 14.00
CA ALA B 78 26.39 1.33 13.42
C ALA B 78 25.02 0.82 13.87
N GLY B 79 24.26 0.27 12.93
CA GLY B 79 22.97 -0.32 13.23
C GLY B 79 23.10 -1.79 13.54
N GLY B 80 21.97 -2.51 13.52
CA GLY B 80 21.95 -3.90 13.96
C GLY B 80 21.32 -4.84 12.94
N SER B 81 20.98 -6.05 13.39
CA SER B 81 20.51 -7.11 12.50
CA SER B 81 20.51 -7.11 12.50
C SER B 81 19.06 -6.96 12.07
N ASN B 82 18.30 -6.10 12.75
CA ASN B 82 16.93 -5.82 12.34
C ASN B 82 16.58 -4.38 12.70
N ARG B 83 15.47 -3.88 12.15
CA ARG B 83 15.19 -2.47 12.34
C ARG B 83 15.06 -2.13 13.82
N THR B 84 14.41 -3.01 14.59
CA THR B 84 14.26 -2.75 16.02
C THR B 84 15.62 -2.64 16.73
N ASP B 85 16.50 -3.60 16.45
CA ASP B 85 17.86 -3.60 17.00
CA ASP B 85 17.84 -3.57 17.04
C ASP B 85 18.57 -2.30 16.66
N THR B 86 18.46 -1.90 15.39
CA THR B 86 19.08 -0.67 14.91
C THR B 86 18.63 0.56 15.70
N VAL B 87 17.33 0.75 15.80
CA VAL B 87 16.80 1.86 16.58
C VAL B 87 17.31 1.80 18.02
N ASN B 88 17.39 0.60 18.57
CA ASN B 88 17.85 0.48 19.94
C ASN B 88 19.29 0.94 20.11
N LEU B 89 20.14 0.58 19.15
CA LEU B 89 21.54 1.03 19.18
C LEU B 89 21.62 2.54 19.05
N ALA B 90 20.80 3.11 18.17
CA ALA B 90 20.83 4.54 17.96
C ALA B 90 20.41 5.27 19.24
N LEU B 91 19.43 4.69 19.93
CA LEU B 91 18.86 5.27 21.13
C LEU B 91 19.93 5.43 22.21
N THR B 92 20.89 4.50 22.18
CA THR B 92 22.02 4.51 23.09
C THR B 92 22.75 5.84 23.06
N VAL B 93 22.79 6.47 21.90
CA VAL B 93 23.40 7.79 21.76
C VAL B 93 22.63 8.84 22.58
N LEU B 94 21.43 8.47 23.02
CA LEU B 94 20.52 9.35 23.77
C LEU B 94 19.84 10.35 22.84
N GLU B 99 19.97 14.86 26.77
CA GLU B 99 18.71 14.24 26.37
C GLU B 99 17.73 15.26 25.78
N PRO B 100 17.31 15.06 24.52
CA PRO B 100 16.38 15.97 23.86
C PRO B 100 14.96 15.75 24.36
N GLU B 101 14.08 16.72 24.17
CA GLU B 101 12.70 16.57 24.62
C GLU B 101 11.96 15.59 23.73
N PHE B 102 12.23 15.64 22.44
CA PHE B 102 11.52 14.80 21.49
C PHE B 102 12.47 13.99 20.64
N VAL B 103 11.98 12.83 20.20
CA VAL B 103 12.72 12.00 19.27
C VAL B 103 11.82 11.60 18.09
N LEU B 104 12.34 11.76 16.88
CA LEU B 104 11.70 11.21 15.70
C LEU B 104 12.47 9.97 15.26
N VAL B 105 11.75 8.99 14.71
CA VAL B 105 12.39 7.86 14.05
C VAL B 105 11.87 7.81 12.62
N HIS B 106 12.78 7.88 11.65
CA HIS B 106 12.40 8.09 10.26
C HIS B 106 13.18 7.18 9.34
N ASP B 107 12.49 6.35 8.57
CA ASP B 107 13.11 5.43 7.61
C ASP B 107 13.90 6.19 6.56
N ALA B 108 15.16 5.82 6.34
CA ALA B 108 15.91 6.39 5.23
C ALA B 108 15.21 6.05 3.92
N ALA B 109 14.50 4.93 3.89
CA ALA B 109 13.82 4.47 2.67
C ALA B 109 12.65 5.36 2.27
N ARG B 110 12.21 6.22 3.18
CA ARG B 110 11.17 7.20 2.84
C ARG B 110 11.82 8.52 2.44
N ALA B 111 12.69 8.41 1.44
CA ALA B 111 13.60 9.50 1.09
C ALA B 111 12.92 10.75 0.56
N LEU B 112 11.70 10.62 0.04
CA LEU B 112 11.01 11.74 -0.57
C LEU B 112 9.97 12.40 0.36
N THR B 113 9.99 12.01 1.63
CA THR B 113 9.09 12.62 2.61
C THR B 113 9.14 14.15 2.57
N PRO B 114 7.97 14.81 2.45
CA PRO B 114 8.01 16.27 2.47
C PRO B 114 8.38 16.81 3.85
N PRO B 115 9.24 17.83 3.91
CA PRO B 115 9.62 18.48 5.16
C PRO B 115 8.41 18.94 5.97
N ALA B 116 7.32 19.31 5.29
CA ALA B 116 6.12 19.75 5.99
C ALA B 116 5.46 18.61 6.79
N LEU B 117 5.61 17.39 6.32
CA LEU B 117 5.09 16.26 7.09
C LEU B 117 5.88 16.16 8.39
N VAL B 118 7.18 16.33 8.28
CA VAL B 118 8.05 16.26 9.45
C VAL B 118 7.61 17.31 10.46
N ALA B 119 7.36 18.51 9.96
CA ALA B 119 6.97 19.62 10.82
C ALA B 119 5.60 19.35 11.44
N ARG B 120 4.72 18.69 10.69
CA ARG B 120 3.38 18.37 11.16
C ARG B 120 3.45 17.40 12.34
N VAL B 121 4.36 16.44 12.27
CA VAL B 121 4.56 15.48 13.37
C VAL B 121 5.10 16.17 14.62
N VAL B 122 6.05 17.08 14.44
CA VAL B 122 6.63 17.77 15.58
C VAL B 122 5.61 18.71 16.24
N GLU B 123 4.77 19.34 15.43
CA GLU B 123 3.75 20.23 15.93
C GLU B 123 2.76 19.51 16.84
N ALA B 124 2.44 18.27 16.48
CA ALA B 124 1.52 17.45 17.27
C ALA B 124 2.17 17.07 18.61
N LEU B 125 3.47 16.81 18.58
CA LEU B 125 4.22 16.57 19.81
C LEU B 125 4.18 17.83 20.68
N ARG B 126 4.41 18.99 20.07
CA ARG B 126 4.38 20.25 20.81
C ARG B 126 2.96 20.60 21.26
N ASP B 127 1.97 19.94 20.66
CA ASP B 127 0.59 20.12 21.08
C ASP B 127 0.26 19.25 22.29
N GLY B 128 1.19 18.38 22.66
CA GLY B 128 1.05 17.61 23.88
C GLY B 128 0.76 16.13 23.69
N TYR B 129 0.73 15.66 22.45
CA TYR B 129 0.61 14.24 22.19
C TYR B 129 1.95 13.58 22.46
N ALA B 130 1.97 12.53 23.27
CA ALA B 130 3.22 11.90 23.68
C ALA B 130 3.81 11.00 22.62
N ALA B 131 2.97 10.55 21.69
CA ALA B 131 3.41 9.68 20.62
C ALA B 131 2.56 9.96 19.40
N VAL B 132 3.22 10.11 18.25
CA VAL B 132 2.54 10.56 17.03
C VAL B 132 3.00 9.77 15.80
N VAL B 133 2.06 9.26 15.03
CA VAL B 133 2.41 8.63 13.76
C VAL B 133 1.57 9.18 12.62
N PRO B 134 2.19 9.37 11.45
CA PRO B 134 1.47 9.82 10.25
C PRO B 134 0.84 8.63 9.56
N VAL B 135 -0.39 8.77 9.10
CA VAL B 135 -1.11 7.64 8.52
C VAL B 135 -1.80 8.04 7.24
N LEU B 136 -2.13 7.02 6.44
CA LEU B 136 -2.94 7.18 5.24
C LEU B 136 -3.96 6.06 5.21
N PRO B 137 -5.09 6.29 4.51
CA PRO B 137 -6.08 5.23 4.30
C PRO B 137 -5.47 4.16 3.40
N LEU B 138 -5.98 2.93 3.51
CA LEU B 138 -5.51 1.82 2.71
C LEU B 138 -6.23 1.80 1.37
N SER B 139 -5.49 1.65 0.28
CA SER B 139 -6.14 1.56 -1.03
C SER B 139 -6.70 0.18 -1.24
N ASP B 140 -5.93 -0.82 -0.84
CA ASP B 140 -6.32 -2.21 -1.02
C ASP B 140 -7.13 -2.72 0.18
N THR B 141 -8.07 -3.60 -0.11
CA THR B 141 -8.65 -4.42 0.95
C THR B 141 -7.52 -5.25 1.53
N ILE B 142 -7.57 -5.45 2.84
CA ILE B 142 -6.57 -6.20 3.57
C ILE B 142 -7.22 -7.44 4.14
N LYS B 143 -6.55 -8.58 4.03
CA LYS B 143 -7.10 -9.80 4.61
C LYS B 143 -6.09 -10.48 5.51
N ALA B 144 -6.59 -11.20 6.51
CA ALA B 144 -5.77 -12.06 7.34
C ALA B 144 -5.64 -13.38 6.61
N VAL B 145 -4.41 -13.86 6.44
CA VAL B 145 -4.19 -15.08 5.68
C VAL B 145 -3.30 -16.02 6.46
N ASP B 146 -3.61 -17.30 6.44
CA ASP B 146 -2.78 -18.26 7.17
C ASP B 146 -1.63 -18.77 6.32
N ALA B 147 -0.80 -19.61 6.92
CA ALA B 147 0.43 -20.07 6.29
C ALA B 147 0.18 -20.89 5.03
N ASN B 148 -1.03 -21.40 4.89
CA ASN B 148 -1.38 -22.22 3.72
C ASN B 148 -2.07 -21.44 2.61
N GLY B 149 -2.14 -20.13 2.74
CA GLY B 149 -2.73 -19.30 1.69
C GLY B 149 -4.24 -19.23 1.77
N VAL B 150 -4.80 -19.69 2.88
CA VAL B 150 -6.24 -19.64 3.09
C VAL B 150 -6.60 -18.34 3.81
N VAL B 151 -7.63 -17.66 3.32
CA VAL B 151 -8.08 -16.42 3.95
C VAL B 151 -8.82 -16.69 5.26
N LEU B 152 -8.40 -16.03 6.33
CA LEU B 152 -9.06 -16.17 7.63
C LEU B 152 -10.23 -15.20 7.78
N GLY B 153 -10.14 -14.07 7.10
CA GLY B 153 -11.19 -13.06 7.21
C GLY B 153 -10.74 -11.70 6.72
N THR B 154 -11.70 -10.80 6.55
CA THR B 154 -11.40 -9.45 6.10
C THR B 154 -11.80 -8.43 7.17
N PRO B 155 -10.81 -7.88 7.88
CA PRO B 155 -11.08 -6.81 8.84
C PRO B 155 -11.66 -5.60 8.10
N GLU B 156 -12.49 -4.82 8.76
CA GLU B 156 -13.07 -3.64 8.12
C GLU B 156 -11.95 -2.66 7.75
N ARG B 157 -11.83 -2.37 6.46
CA ARG B 157 -10.73 -1.52 5.98
C ARG B 157 -10.75 -0.13 6.61
N ALA B 158 -11.93 0.45 6.74
CA ALA B 158 -12.05 1.81 7.27
C ALA B 158 -11.54 1.94 8.71
N GLY B 159 -11.35 0.81 9.39
CA GLY B 159 -10.90 0.83 10.77
C GLY B 159 -9.37 0.75 10.87
N LEU B 160 -8.72 0.62 9.72
CA LEU B 160 -7.27 0.42 9.64
C LEU B 160 -6.59 1.58 8.93
N ARG B 161 -5.31 1.78 9.21
CA ARG B 161 -4.56 2.82 8.49
C ARG B 161 -3.17 2.30 8.16
N ALA B 162 -2.61 2.76 7.05
CA ALA B 162 -1.23 2.46 6.73
C ALA B 162 -0.38 3.50 7.43
N VAL B 163 0.68 3.07 8.09
CA VAL B 163 1.45 4.04 8.87
C VAL B 163 2.82 4.33 8.24
N GLN B 164 3.22 5.60 8.33
CA GLN B 164 4.47 6.04 7.71
C GLN B 164 5.47 6.42 8.78
N THR B 165 6.50 7.15 8.39
CA THR B 165 7.41 7.78 9.34
C THR B 165 7.64 9.18 8.77
N PRO B 166 8.18 10.11 9.55
CA PRO B 166 8.69 10.01 10.92
C PRO B 166 7.61 9.72 11.95
N GLN B 167 7.92 8.80 12.86
CA GLN B 167 7.10 8.62 14.06
C GLN B 167 7.75 9.45 15.15
N GLY B 168 6.95 10.20 15.91
CA GLY B 168 7.49 11.11 16.90
C GLY B 168 7.10 10.73 18.32
N PHE B 169 7.99 10.98 19.28
CA PHE B 169 7.78 10.59 20.67
C PHE B 169 8.44 11.56 21.65
N THR B 170 7.91 11.66 22.85
CA THR B 170 8.70 12.26 23.92
C THR B 170 9.83 11.26 24.14
N THR B 171 11.02 11.76 24.37
CA THR B 171 12.19 10.89 24.49
C THR B 171 12.02 9.90 25.64
N ASP B 172 11.52 10.39 26.77
CA ASP B 172 11.32 9.56 27.94
C ASP B 172 10.48 8.32 27.62
N LEU B 173 9.37 8.54 26.92
CA LEU B 173 8.43 7.47 26.60
C LEU B 173 9.03 6.45 25.62
N LEU B 174 9.71 6.94 24.59
CA LEU B 174 10.36 6.05 23.63
C LEU B 174 11.41 5.17 24.29
N LEU B 175 12.24 5.78 25.13
CA LEU B 175 13.28 5.06 25.87
C LEU B 175 12.67 3.97 26.74
N ARG B 176 11.66 4.32 27.52
CA ARG B 176 10.99 3.35 28.37
C ARG B 176 10.35 2.23 27.54
N SER B 177 9.81 2.58 26.38
CA SER B 177 9.17 1.57 25.54
C SER B 177 10.19 0.58 24.99
N TYR B 178 11.31 1.09 24.51
CA TYR B 178 12.37 0.23 23.96
C TYR B 178 13.06 -0.59 25.04
N GLN B 179 13.02 -0.10 26.28
CA GLN B 179 13.63 -0.81 27.39
C GLN B 179 12.82 -2.02 27.81
N ARG B 180 11.49 -1.89 27.76
CA ARG B 180 10.58 -2.94 28.20
C ARG B 180 10.43 -4.06 27.16
N LEU B 185 7.24 -10.02 26.39
CA LEU B 185 7.29 -10.62 25.05
C LEU B 185 8.72 -10.76 24.53
N PRO B 186 9.43 -11.85 24.93
CA PRO B 186 10.77 -12.15 24.43
C PRO B 186 10.76 -12.62 22.97
N ALA B 187 9.62 -13.13 22.51
CA ALA B 187 9.49 -13.61 21.13
C ALA B 187 8.81 -12.62 20.18
N ALA B 188 8.77 -11.34 20.55
CA ALA B 188 8.31 -10.27 19.65
C ALA B 188 9.50 -9.36 19.33
N GLU B 189 9.62 -8.82 18.11
CA GLU B 189 8.71 -8.88 16.95
C GLU B 189 7.85 -7.62 16.78
N TYR B 190 8.49 -6.53 16.36
CA TYR B 190 7.81 -5.29 16.03
C TYR B 190 8.29 -4.74 14.67
N THR B 191 7.38 -4.20 13.88
CA THR B 191 7.73 -3.64 12.58
C THR B 191 7.87 -2.12 12.61
N ASP B 192 7.46 -1.48 13.70
CA ASP B 192 7.74 -0.05 13.85
C ASP B 192 8.02 0.32 15.29
N ASP B 193 8.18 1.61 15.55
CA ASP B 193 8.53 2.08 16.88
C ASP B 193 7.29 2.28 17.74
N ALA B 194 6.22 2.79 17.12
CA ALA B 194 5.01 3.05 17.90
C ALA B 194 4.47 1.77 18.54
N SER B 195 4.75 0.62 17.92
CA SER B 195 4.36 -0.69 18.47
C SER B 195 4.88 -0.92 19.88
N LEU B 196 6.13 -0.54 20.13
CA LEU B 196 6.66 -0.73 21.49
C LEU B 196 5.96 0.18 22.50
N VAL B 197 5.63 1.39 22.07
CA VAL B 197 4.89 2.33 22.92
C VAL B 197 3.49 1.80 23.23
N GLU B 198 2.80 1.28 22.22
CA GLU B 198 1.49 0.68 22.42
C GLU B 198 1.58 -0.51 23.36
N HIS B 199 2.70 -1.23 23.27
CA HIS B 199 2.87 -2.40 24.12
C HIS B 199 2.91 -2.06 25.60
N ILE B 200 3.56 -0.97 25.96
CA ILE B 200 3.61 -0.59 27.38
C ILE B 200 2.48 0.35 27.79
N GLY B 201 1.47 0.47 26.95
CA GLY B 201 0.27 1.23 27.31
C GLY B 201 0.23 2.70 26.91
N GLY B 202 1.26 3.18 26.21
CA GLY B 202 1.26 4.57 25.77
C GLY B 202 0.21 4.80 24.71
N GLN B 203 -0.43 5.98 24.75
CA GLN B 203 -1.43 6.32 23.75
C GLN B 203 -0.78 6.99 22.55
N VAL B 204 -1.04 6.44 21.38
CA VAL B 204 -0.46 6.98 20.15
C VAL B 204 -1.55 7.67 19.32
N GLN B 205 -1.29 8.92 18.95
CA GLN B 205 -2.21 9.70 18.14
C GLN B 205 -1.76 9.73 16.68
N VAL B 206 -2.70 9.68 15.74
CA VAL B 206 -2.32 9.77 14.33
C VAL B 206 -2.48 11.19 13.82
N VAL B 207 -1.68 11.54 12.82
CA VAL B 207 -1.90 12.74 12.02
C VAL B 207 -1.89 12.31 10.56
N ASP B 208 -2.35 13.18 9.67
CA ASP B 208 -2.39 12.85 8.25
C ASP B 208 -0.98 12.67 7.71
N GLY B 209 -0.74 11.56 7.01
CA GLY B 209 0.55 11.33 6.38
C GLY B 209 0.61 12.06 5.05
N ASP B 210 1.43 11.56 4.13
CA ASP B 210 1.58 12.17 2.82
C ASP B 210 2.01 11.12 1.81
N PRO B 211 1.30 11.02 0.67
CA PRO B 211 1.67 10.03 -0.35
C PRO B 211 3.15 10.07 -0.71
N LEU B 212 3.78 11.23 -0.65
CA LEU B 212 5.20 11.36 -1.00
C LEU B 212 6.15 10.74 0.03
N ALA B 213 5.62 10.41 1.21
CA ALA B 213 6.43 9.75 2.24
C ALA B 213 6.40 8.23 2.07
N PHE B 214 5.99 7.76 0.89
CA PHE B 214 5.98 6.33 0.61
C PHE B 214 7.36 5.70 0.81
N LYS B 215 7.38 4.44 1.25
CA LYS B 215 8.62 3.72 1.46
C LYS B 215 9.10 3.12 0.15
N ILE B 216 10.34 3.37 -0.20
CA ILE B 216 10.90 2.74 -1.39
C ILE B 216 11.16 1.28 -1.06
N THR B 217 10.28 0.41 -1.54
CA THR B 217 10.26 -0.99 -1.12
C THR B 217 10.47 -1.95 -2.28
N THR B 218 9.84 -1.67 -3.41
CA THR B 218 9.94 -2.52 -4.58
C THR B 218 10.56 -1.71 -5.71
N LYS B 219 10.90 -2.39 -6.81
CA LYS B 219 11.43 -1.69 -7.97
C LYS B 219 10.40 -0.74 -8.60
N LEU B 220 9.12 -1.02 -8.43
CA LEU B 220 8.11 -0.06 -8.87
C LEU B 220 8.17 1.22 -8.05
N ASP B 221 8.37 1.10 -6.73
CA ASP B 221 8.53 2.28 -5.88
C ASP B 221 9.73 3.11 -6.33
N LEU B 222 10.78 2.42 -6.77
CA LEU B 222 11.99 3.09 -7.21
C LEU B 222 11.69 3.82 -8.52
N LEU B 223 10.97 3.16 -9.40
CA LEU B 223 10.52 3.80 -10.63
C LEU B 223 9.74 5.08 -10.36
N LEU B 224 8.83 5.03 -9.40
CA LEU B 224 8.07 6.21 -9.03
C LEU B 224 8.96 7.29 -8.42
N ALA B 225 9.92 6.90 -7.57
CA ALA B 225 10.79 7.89 -6.93
C ALA B 225 11.57 8.62 -8.00
N GLN B 226 12.03 7.87 -9.00
CA GLN B 226 12.77 8.43 -10.11
C GLN B 226 11.95 9.40 -10.92
N ALA B 227 10.68 9.08 -11.13
CA ALA B 227 9.80 9.98 -11.89
C ALA B 227 9.58 11.25 -11.10
N ILE B 228 9.44 11.13 -9.80
CA ILE B 228 9.22 12.30 -8.96
C ILE B 228 10.41 13.25 -8.98
N VAL B 229 11.62 12.74 -8.77
CA VAL B 229 12.79 13.60 -8.66
C VAL B 229 13.26 14.16 -10.01
N ARG B 230 12.95 13.46 -11.09
CA ARG B 230 13.33 13.93 -12.42
C ARG B 230 12.26 14.87 -12.96
N GLY B 231 11.07 14.80 -12.37
CA GLY B 231 9.93 15.57 -12.84
C GLY B 231 9.97 17.02 -12.40
N1 CDM C . -16.54 1.31 -8.62
C2 CDM C . -17.81 0.74 -9.18
N3 CDM C . -19.03 1.45 -8.84
C4 CDM C . -19.08 2.26 -7.62
C5 CDM C . -17.80 2.63 -6.92
C6 CDM C . -16.49 2.02 -7.35
O2 CDM C . -17.80 0.18 -10.44
N4 CDM C . -20.26 3.07 -7.44
C1' CDM C . -15.43 0.73 -9.36
C2' CDM C . -14.46 1.86 -9.71
O2' CDM C . -14.81 2.44 -10.94
C3' CDM C . -13.12 1.17 -9.67
C4' CDM C . -13.30 -0.05 -8.75
O4' CDM C . -14.71 -0.11 -8.40
O3' CDM C . -12.71 0.79 -10.97
C5' CDM C . -12.57 0.21 -7.42
O5' CDM C . -12.95 1.48 -6.98
PA CDM C . -11.94 2.30 -5.98
O1A CDM C . -10.75 2.68 -6.77
O2A CDM C . -12.66 3.62 -5.34
O3A CDM C . -11.36 1.31 -4.83
PB CDM C . -12.24 0.68 -3.60
O1B CDM C . -13.77 0.32 -4.04
O2B CDM C . -12.16 1.63 -2.48
O3B CDM C . -11.42 -0.67 -3.20
C1M CDM C . -11.42 -1.81 -4.05
C2M CDM C . -10.53 -2.81 -3.33
O2M CDM C . -11.18 -3.15 -2.11
C3M CDM C . -10.24 -4.05 -4.23
C4M CDM C . -9.47 -5.11 -3.42
C5M CDM C . -11.57 -4.66 -4.77
O3M CDM C . -9.42 -3.64 -5.29
O4M CDM C . -8.29 -4.56 -2.90
MG MG D . -15.35 4.68 -3.91
CL CL E . -13.73 6.25 -8.80
CL CL F . -14.21 8.15 -5.52
N1 CDM G . 16.62 -1.03 8.66
C2 CDM G . 17.79 -0.78 9.57
N3 CDM G . 18.41 -1.95 10.20
C4 CDM G . 18.08 -3.30 9.73
C5 CDM G . 16.81 -3.49 8.94
C6 CDM G . 16.32 -2.33 8.11
O2 CDM G . 18.01 0.47 10.13
N4 CDM G . 18.82 -4.44 10.20
C1' CDM G . 16.22 0.26 8.10
C2' CDM G . 16.33 0.19 6.58
O2' CDM G . 17.62 0.57 6.16
C3' CDM G . 15.24 1.16 6.13
C4' CDM G . 14.23 1.23 7.27
O4' CDM G . 14.77 0.36 8.31
O3' CDM G . 15.80 2.42 5.91
C5' CDM G . 12.95 0.53 6.78
O5' CDM G . 13.37 -0.71 6.26
PA CDM G . 12.36 -1.49 5.24
O1A CDM G . 12.23 -0.73 3.97
O2A CDM G . 12.87 -2.99 4.94
O3A CDM G . 10.84 -1.45 5.87
PB CDM G . 10.30 -2.41 7.08
O1B CDM G . 11.35 -2.53 8.31
O2B CDM G . 9.90 -3.71 6.52
O3B CDM G . 8.95 -1.63 7.58
C1M CDM G . 9.08 -0.32 8.10
C2M CDM G . 7.64 0.10 8.42
O2M CDM G . 7.09 -0.85 9.31
C3M CDM G . 7.59 1.56 8.95
C4M CDM G . 6.13 1.88 9.35
C5M CDM G . 8.57 1.81 10.14
O3M CDM G . 7.97 2.40 7.88
O4M CDM G . 5.27 1.65 8.24
MG MG H . 13.71 -4.70 5.74
CL CL I . 17.23 -1.91 3.61
CL CL J . 14.93 -3.99 0.99
#